data_6WCR
#
_entry.id   6WCR
#
_cell.length_a   160.096
_cell.length_b   160.096
_cell.length_c   160.096
_cell.angle_alpha   90.000
_cell.angle_beta   90.000
_cell.angle_gamma   90.000
#
_symmetry.space_group_name_H-M   'I 21 3'
#
loop_
_entity.id
_entity.type
_entity.pdbx_description
1 polymer Hemagglutinin
2 polymer Hemagglutinin
3 branched beta-D-mannopyranose-(1-4)-2-acetamido-2-deoxy-beta-D-glucopyranose-(1-4)-2-acetamido-2-deoxy-beta-D-glucopyranose
4 branched 2-acetamido-2-deoxy-beta-D-glucopyranose-(1-4)-2-acetamido-2-deoxy-beta-D-glucopyranose
5 non-polymer 2-acetamido-2-deoxy-beta-D-glucopyranose
6 non-polymer (2,4-dichlorophenyl)[(2S)-2-phenylmorpholin-4-yl]methanone
7 water water
#
loop_
_entity_poly.entity_id
_entity_poly.type
_entity_poly.pdbx_seq_one_letter_code
_entity_poly.pdbx_strand_id
1 'polypeptide(L)'
;DTICIGYHANNSTDTVDTVLEKNVTVTHSVNLLEDSHNGKLCRLKGIAPLQLGKCNIAGWLLGNPECDPLLPVRSWSYIV
ETPNSENGICYPGDFIDYEELREQLSSVSSFERFEIFPKESSWPNHNTNGVTAACSHEGKSSFYRNLLWLTEKEGSYPKL
KNSYVNKKGKEVLVLWGIHHPPNSKEQQNLYQNENAYVSVVTSNYNRRFTPEIAERPKVRDQAGRMNYYWTLLKPGDTII
FEANGNLIAPMYAFALSRGFGSGIITSNASMHECNTKCQTPLGAINSSLPYQNIHPVTIGECPKYVRSAKLRMVTGLRNI
PSIQSR
;
A
2 'polypeptide(L)'
;GLFGAIAGFIEGGWTGMIDGWYGYHHQNEQGSGYAADQKSTQNAINGITNKVNTVIEKMNIQFTAVGKEFNKLEKRMENL
NKKVDDGFLDIWTYNAELLVLLENERTLDFHDSNVKNLYEKVKSQLKNNAKEIGNGCFEFYHKCDNECMESVRNGTYDYP
KYSEESKLNREKVDGV
;
B
#
# COMPACT_ATOMS: atom_id res chain seq x y z
N ASP A 1 -27.05 -49.83 -25.13
CA ASP A 1 -26.79 -48.94 -24.00
C ASP A 1 -25.40 -48.31 -24.12
N THR A 2 -25.32 -47.01 -23.82
CA THR A 2 -24.08 -46.26 -23.97
C THR A 2 -23.79 -45.47 -22.70
N ILE A 3 -22.51 -45.19 -22.48
CA ILE A 3 -22.07 -44.30 -21.42
C ILE A 3 -20.90 -43.47 -21.94
N CYS A 4 -20.90 -42.18 -21.61
CA CYS A 4 -19.90 -41.25 -22.10
C CYS A 4 -19.20 -40.59 -20.93
N ILE A 5 -17.96 -40.15 -21.17
CA ILE A 5 -17.18 -39.39 -20.21
C ILE A 5 -17.02 -37.98 -20.74
N GLY A 6 -17.38 -36.99 -19.93
CA GLY A 6 -17.32 -35.61 -20.36
C GLY A 6 -16.84 -34.66 -19.27
N TYR A 7 -17.00 -33.36 -19.50
CA TYR A 7 -16.53 -32.35 -18.56
C TYR A 7 -17.52 -31.19 -18.52
N HIS A 8 -17.30 -30.29 -17.57
CA HIS A 8 -18.26 -29.26 -17.24
C HIS A 8 -18.20 -28.09 -18.21
N ALA A 9 -19.35 -27.42 -18.37
CA ALA A 9 -19.45 -26.19 -19.13
C ALA A 9 -20.58 -25.36 -18.54
N ASN A 10 -20.48 -24.03 -18.69
CA ASN A 10 -21.49 -23.11 -18.15
C ASN A 10 -21.54 -21.89 -19.07
N ASN A 11 -22.27 -20.86 -18.61
CA ASN A 11 -22.35 -19.60 -19.35
C ASN A 11 -21.31 -18.58 -18.90
N SER A 12 -20.14 -19.04 -18.47
CA SER A 12 -19.10 -18.15 -18.00
C SER A 12 -18.36 -17.52 -19.18
N THR A 13 -18.19 -16.20 -19.13
CA THR A 13 -17.43 -15.47 -20.13
C THR A 13 -16.07 -15.03 -19.62
N ASP A 14 -15.60 -15.59 -18.50
CA ASP A 14 -14.28 -15.23 -17.98
C ASP A 14 -13.19 -15.70 -18.93
N THR A 15 -12.21 -14.83 -19.15
CA THR A 15 -11.09 -15.12 -20.03
C THR A 15 -9.78 -14.98 -19.27
N VAL A 16 -8.87 -15.92 -19.49
CA VAL A 16 -7.53 -15.87 -18.91
C VAL A 16 -6.52 -16.05 -20.04
N ASP A 17 -5.27 -15.71 -19.74
CA ASP A 17 -4.17 -15.87 -20.68
C ASP A 17 -3.23 -16.96 -20.19
N THR A 18 -2.70 -17.73 -21.13
CA THR A 18 -1.70 -18.74 -20.88
C THR A 18 -0.42 -18.39 -21.63
N VAL A 19 0.59 -19.24 -21.49
CA VAL A 19 1.83 -19.02 -22.22
C VAL A 19 1.66 -19.35 -23.69
N LEU A 20 0.86 -20.37 -24.01
CA LEU A 20 0.66 -20.77 -25.40
C LEU A 20 -0.52 -20.07 -26.06
N GLU A 21 -1.44 -19.51 -25.29
CA GLU A 21 -2.67 -18.97 -25.85
C GLU A 21 -3.17 -17.82 -25.01
N LYS A 22 -3.81 -16.86 -25.66
CA LYS A 22 -4.42 -15.72 -25.00
C LYS A 22 -5.95 -15.80 -25.11
N ASN A 23 -6.62 -15.13 -24.17
CA ASN A 23 -8.07 -14.95 -24.22
C ASN A 23 -8.81 -16.30 -24.23
N VAL A 24 -8.45 -17.16 -23.29
CA VAL A 24 -9.05 -18.48 -23.17
C VAL A 24 -10.28 -18.38 -22.28
N THR A 25 -11.46 -18.66 -22.85
CA THR A 25 -12.69 -18.64 -22.07
C THR A 25 -12.73 -19.85 -21.14
N VAL A 26 -12.93 -19.60 -19.84
CA VAL A 26 -12.87 -20.65 -18.84
C VAL A 26 -14.16 -20.63 -18.02
N THR A 27 -14.42 -21.76 -17.35
CA THR A 27 -15.66 -21.91 -16.58
C THR A 27 -15.57 -21.20 -15.24
N HIS A 28 -14.42 -21.24 -14.58
CA HIS A 28 -14.23 -20.62 -13.29
C HIS A 28 -12.84 -20.00 -13.20
N SER A 29 -12.74 -18.89 -12.48
CA SER A 29 -11.47 -18.18 -12.34
C SER A 29 -11.53 -17.33 -11.07
N VAL A 30 -10.38 -16.76 -10.73
CA VAL A 30 -10.22 -15.93 -9.53
C VAL A 30 -9.40 -14.71 -9.90
N ASN A 31 -9.90 -13.53 -9.55
CA ASN A 31 -9.18 -12.28 -9.80
C ASN A 31 -8.23 -12.02 -8.63
N LEU A 32 -6.95 -11.84 -8.95
CA LEU A 32 -5.93 -11.54 -7.95
C LEU A 32 -5.57 -10.07 -7.88
N LEU A 33 -5.98 -9.28 -8.86
CA LEU A 33 -5.61 -7.87 -8.95
C LEU A 33 -6.75 -7.01 -8.42
N GLU A 34 -6.47 -6.26 -7.35
CA GLU A 34 -7.46 -5.37 -6.76
C GLU A 34 -7.38 -4.00 -7.43
N ASP A 35 -8.49 -3.54 -7.99
CA ASP A 35 -8.55 -2.26 -8.67
C ASP A 35 -9.61 -1.34 -8.09
N SER A 36 -10.23 -1.72 -6.98
CA SER A 36 -11.35 -0.97 -6.40
C SER A 36 -10.91 -0.29 -5.12
N HIS A 37 -11.35 0.95 -4.93
CA HIS A 37 -11.15 1.69 -3.69
C HIS A 37 -12.35 2.60 -3.47
N ASN A 38 -12.48 3.08 -2.23
CA ASN A 38 -13.63 3.90 -1.86
C ASN A 38 -13.44 5.39 -2.10
N GLY A 39 -12.24 5.82 -2.46
CA GLY A 39 -12.00 7.22 -2.73
C GLY A 39 -12.08 8.12 -1.52
N LYS A 40 -11.87 7.57 -0.32
CA LYS A 40 -11.98 8.34 0.92
C LYS A 40 -10.74 8.11 1.77
N LEU A 41 -10.49 9.06 2.67
CA LEU A 41 -9.47 8.89 3.70
C LEU A 41 -10.14 8.35 4.95
N CYS A 42 -9.73 7.14 5.37
CA CYS A 42 -10.32 6.46 6.50
C CYS A 42 -9.31 6.31 7.63
N ARG A 43 -9.81 5.89 8.78
CA ARG A 43 -8.94 5.52 9.89
C ARG A 43 -8.12 4.29 9.53
N LEU A 44 -6.94 4.18 10.13
CA LEU A 44 -6.07 3.03 9.94
C LEU A 44 -5.99 2.27 11.25
N LYS A 45 -6.67 1.11 11.30
CA LYS A 45 -6.73 0.29 12.50
C LYS A 45 -7.27 1.08 13.69
N GLY A 46 -8.31 1.86 13.46
CA GLY A 46 -8.98 2.59 14.52
C GLY A 46 -8.41 3.94 14.86
N ILE A 47 -7.33 4.36 14.23
CA ILE A 47 -6.67 5.63 14.53
C ILE A 47 -6.82 6.56 13.33
N ALA A 48 -7.35 7.75 13.58
CA ALA A 48 -7.53 8.73 12.52
C ALA A 48 -6.20 9.36 12.14
N PRO A 49 -6.05 9.78 10.88
CA PRO A 49 -4.79 10.40 10.44
C PRO A 49 -4.67 11.84 10.95
N LEU A 50 -3.50 12.42 10.70
CA LEU A 50 -3.21 13.81 11.02
C LEU A 50 -3.25 14.63 9.74
N GLN A 51 -4.30 15.42 9.58
CA GLN A 51 -4.48 16.26 8.40
C GLN A 51 -3.97 17.66 8.71
N LEU A 52 -2.97 18.10 7.95
CA LEU A 52 -2.38 19.42 8.17
C LEU A 52 -3.18 20.54 7.50
N GLY A 53 -4.15 20.20 6.66
CA GLY A 53 -5.00 21.24 6.08
C GLY A 53 -4.23 22.14 5.14
N LYS A 54 -4.29 23.44 5.39
CA LYS A 54 -3.58 24.40 4.55
C LYS A 54 -2.07 24.36 4.76
N CYS A 55 -1.61 23.78 5.86
CA CYS A 55 -0.20 23.76 6.19
C CYS A 55 0.49 22.50 5.65
N ASN A 56 1.81 22.56 5.59
CA ASN A 56 2.66 21.41 5.35
C ASN A 56 3.38 21.07 6.65
N ILE A 57 4.42 20.25 6.56
CA ILE A 57 5.18 19.86 7.75
C ILE A 57 5.87 21.09 8.35
N ALA A 58 6.53 21.89 7.50
CA ALA A 58 7.26 23.05 7.98
C ALA A 58 6.33 24.07 8.62
N GLY A 59 5.24 24.41 7.93
CA GLY A 59 4.31 25.39 8.48
C GLY A 59 3.62 24.93 9.75
N TRP A 60 3.36 23.63 9.86
CA TRP A 60 2.72 23.11 11.07
C TRP A 60 3.69 23.07 12.24
N LEU A 61 4.95 22.67 12.00
CA LEU A 61 5.90 22.58 13.09
C LEU A 61 6.36 23.95 13.55
N LEU A 62 6.53 24.89 12.61
CA LEU A 62 6.94 26.24 12.99
C LEU A 62 5.78 27.04 13.59
N GLY A 63 4.55 26.72 13.23
CA GLY A 63 3.40 27.42 13.76
C GLY A 63 2.94 28.57 12.90
N ASN A 64 2.68 28.29 11.62
CA ASN A 64 2.20 29.33 10.71
C ASN A 64 0.82 29.79 11.14
N PRO A 65 0.60 31.10 11.31
CA PRO A 65 -0.70 31.58 11.82
C PRO A 65 -1.86 31.35 10.87
N GLU A 66 -1.60 31.21 9.56
CA GLU A 66 -2.68 31.05 8.59
C GLU A 66 -3.40 29.71 8.71
N CYS A 67 -2.87 28.76 9.47
CA CYS A 67 -3.46 27.44 9.61
C CYS A 67 -4.19 27.32 10.93
N ASP A 68 -5.32 26.63 10.92
CA ASP A 68 -6.12 26.46 12.12
C ASP A 68 -5.32 25.70 13.17
N PRO A 69 -5.25 26.19 14.41
CA PRO A 69 -4.45 25.52 15.43
C PRO A 69 -5.04 24.17 15.81
N LEU A 70 -4.16 23.19 15.95
CA LEU A 70 -4.57 21.84 16.33
C LEU A 70 -4.68 21.72 17.85
N LEU A 71 -5.22 20.59 18.29
CA LEU A 71 -5.34 20.33 19.71
C LEU A 71 -3.95 20.18 20.34
N PRO A 72 -3.84 20.44 21.64
CA PRO A 72 -2.51 20.34 22.28
C PRO A 72 -1.88 18.96 22.18
N VAL A 73 -2.66 17.90 22.38
CA VAL A 73 -2.17 16.53 22.28
C VAL A 73 -2.90 15.83 21.14
N ARG A 74 -2.13 15.25 20.22
CA ARG A 74 -2.71 14.56 19.07
C ARG A 74 -2.01 13.24 18.85
N SER A 75 -2.74 12.29 18.27
CA SER A 75 -2.21 10.99 17.88
C SER A 75 -2.81 10.60 16.54
N TRP A 76 -2.02 9.93 15.71
CA TRP A 76 -2.45 9.63 14.35
C TRP A 76 -1.78 8.35 13.87
N SER A 77 -2.27 7.84 12.74
CA SER A 77 -1.71 6.67 12.09
C SER A 77 -0.90 7.03 10.85
N TYR A 78 -1.17 8.17 10.23
CA TYR A 78 -0.39 8.65 9.11
C TYR A 78 -0.67 10.14 8.92
N ILE A 79 0.26 10.83 8.25
CA ILE A 79 0.18 12.26 8.03
C ILE A 79 -0.26 12.52 6.60
N VAL A 80 -1.14 13.50 6.42
CA VAL A 80 -1.68 13.88 5.12
C VAL A 80 -1.37 15.34 4.86
N GLU A 81 -0.75 15.61 3.72
CA GLU A 81 -0.52 16.97 3.24
C GLU A 81 -1.33 17.20 1.98
N THR A 82 -1.88 18.41 1.85
CA THR A 82 -2.62 18.73 0.65
C THR A 82 -1.66 19.13 -0.48
N PRO A 83 -2.00 18.82 -1.73
CA PRO A 83 -1.09 19.14 -2.85
C PRO A 83 -0.80 20.63 -2.97
N ASN A 84 -1.78 21.49 -2.68
CA ASN A 84 -1.59 22.94 -2.77
C ASN A 84 -1.44 23.52 -1.37
N SER A 85 -0.32 23.19 -0.74
CA SER A 85 0.01 23.68 0.60
C SER A 85 0.65 25.06 0.44
N GLU A 86 -0.20 26.10 0.48
CA GLU A 86 0.28 27.46 0.29
C GLU A 86 0.89 28.05 1.55
N ASN A 87 0.59 27.49 2.72
CA ASN A 87 1.06 28.01 4.00
C ASN A 87 2.14 27.09 4.54
N GLY A 88 3.39 27.55 4.48
CA GLY A 88 4.50 26.81 5.04
C GLY A 88 5.51 27.73 5.69
N ILE A 89 6.68 27.85 5.08
CA ILE A 89 7.70 28.81 5.54
C ILE A 89 7.28 30.18 5.04
N CYS A 90 6.78 31.02 5.95
CA CYS A 90 6.27 32.34 5.57
C CYS A 90 7.34 33.41 5.54
N TYR A 91 8.39 33.30 6.36
CA TYR A 91 9.50 34.23 6.23
C TYR A 91 10.62 33.57 5.44
N PRO A 92 11.12 34.21 4.39
CA PRO A 92 12.07 33.54 3.50
C PRO A 92 13.33 33.07 4.24
N GLY A 93 13.69 31.82 4.01
CA GLY A 93 14.85 31.24 4.66
C GLY A 93 14.99 29.78 4.28
N ASP A 94 16.02 29.16 4.83
CA ASP A 94 16.34 27.76 4.55
C ASP A 94 16.00 26.92 5.78
N PHE A 95 15.31 25.80 5.54
CA PHE A 95 14.97 24.84 6.59
C PHE A 95 16.03 23.73 6.56
N ILE A 96 16.99 23.81 7.49
CA ILE A 96 18.11 22.89 7.47
C ILE A 96 17.66 21.51 7.92
N ASP A 97 18.03 20.49 7.12
CA ASP A 97 17.66 19.10 7.40
C ASP A 97 16.15 18.92 7.52
N TYR A 98 15.42 19.58 6.62
CA TYR A 98 13.96 19.49 6.63
C TYR A 98 13.48 18.11 6.20
N GLU A 99 14.16 17.51 5.21
CA GLU A 99 13.76 16.18 4.75
C GLU A 99 14.05 15.13 5.80
N GLU A 100 15.17 15.26 6.52
CA GLU A 100 15.44 14.35 7.64
C GLU A 100 14.42 14.54 8.75
N LEU A 101 13.94 15.77 8.95
CA LEU A 101 12.89 16.00 9.93
C LEU A 101 11.59 15.33 9.51
N ARG A 102 11.27 15.38 8.21
CA ARG A 102 10.09 14.66 7.72
C ARG A 102 10.25 13.15 7.91
N GLU A 103 11.46 12.63 7.66
CA GLU A 103 11.68 11.21 7.84
C GLU A 103 11.56 10.82 9.31
N GLN A 104 11.99 11.69 10.22
CA GLN A 104 11.81 11.44 11.65
C GLN A 104 10.33 11.46 12.02
N LEU A 105 9.57 12.44 11.52
CA LEU A 105 8.14 12.48 11.78
C LEU A 105 7.42 11.28 11.18
N SER A 106 7.98 10.65 10.16
CA SER A 106 7.33 9.50 9.53
C SER A 106 7.15 8.32 10.51
N SER A 107 7.94 8.26 11.57
CA SER A 107 7.82 7.20 12.57
C SER A 107 7.22 7.71 13.87
N VAL A 108 6.69 8.92 13.89
CA VAL A 108 6.07 9.51 15.08
C VAL A 108 4.58 9.22 15.04
N SER A 109 4.03 8.84 16.21
CA SER A 109 2.62 8.50 16.32
C SER A 109 1.82 9.45 17.20
N SER A 110 2.47 10.39 17.89
CA SER A 110 1.78 11.27 18.81
C SER A 110 2.66 12.48 19.12
N PHE A 111 2.02 13.60 19.40
CA PHE A 111 2.73 14.79 19.86
C PHE A 111 1.94 15.50 20.94
N GLU A 112 2.66 16.17 21.83
CA GLU A 112 2.09 17.00 22.87
C GLU A 112 2.74 18.38 22.78
N ARG A 113 1.97 19.38 22.37
CA ARG A 113 2.49 20.74 22.22
C ARG A 113 2.46 21.44 23.58
N PHE A 114 3.64 21.68 24.15
CA PHE A 114 3.76 22.34 25.44
C PHE A 114 4.64 23.57 25.31
N GLU A 115 4.55 24.45 26.30
CA GLU A 115 5.29 25.71 26.31
C GLU A 115 6.65 25.46 26.96
N ILE A 116 7.69 25.34 26.14
CA ILE A 116 9.02 25.07 26.67
C ILE A 116 9.63 26.31 27.29
N PHE A 117 9.41 27.48 26.67
CA PHE A 117 9.87 28.75 27.21
C PHE A 117 8.70 29.72 27.22
N PRO A 118 8.12 30.03 28.38
CA PRO A 118 7.01 30.99 28.41
C PRO A 118 7.44 32.35 27.88
N LYS A 119 6.49 33.03 27.23
CA LYS A 119 6.80 34.30 26.58
C LYS A 119 7.18 35.37 27.60
N GLU A 120 6.34 35.54 28.63
CA GLU A 120 6.54 36.59 29.63
C GLU A 120 7.23 36.05 30.87
N SER A 121 8.33 35.32 30.71
CA SER A 121 9.03 34.73 31.84
C SER A 121 10.45 34.29 31.49
N SER A 122 10.70 33.99 30.21
CA SER A 122 11.96 33.38 29.82
C SER A 122 13.01 34.37 29.37
N TRP A 123 12.62 35.48 28.76
CA TRP A 123 13.56 36.42 28.14
C TRP A 123 13.35 37.81 28.73
N PRO A 124 13.91 38.07 29.91
CA PRO A 124 13.85 39.43 30.47
C PRO A 124 14.80 40.37 29.74
N ASN A 125 14.51 41.66 29.86
CA ASN A 125 15.30 42.73 29.23
C ASN A 125 15.34 42.61 27.71
N HIS A 126 14.39 41.88 27.12
CA HIS A 126 14.31 41.71 25.68
C HIS A 126 12.87 41.87 25.22
N ASN A 127 12.68 42.45 24.04
CA ASN A 127 11.35 42.62 23.48
C ASN A 127 10.91 41.34 22.80
N THR A 128 9.66 40.93 23.06
CA THR A 128 9.10 39.70 22.51
C THR A 128 7.88 39.96 21.63
N ASN A 129 7.77 41.17 21.08
CA ASN A 129 6.62 41.55 20.27
C ASN A 129 6.96 41.68 18.80
N GLY A 130 8.09 41.12 18.36
CA GLY A 130 8.49 41.25 16.97
C GLY A 130 7.58 40.47 16.05
N VAL A 131 7.02 41.15 15.05
CA VAL A 131 6.16 40.54 14.05
C VAL A 131 6.66 40.96 12.67
N THR A 132 6.10 40.32 11.64
CA THR A 132 6.48 40.62 10.26
C THR A 132 5.24 40.48 9.38
N ALA A 133 5.32 41.11 8.20
CA ALA A 133 4.23 41.05 7.25
C ALA A 133 4.28 39.82 6.36
N ALA A 134 5.46 39.19 6.23
CA ALA A 134 5.56 37.95 5.47
C ALA A 134 4.80 36.81 6.15
N CYS A 135 4.55 36.91 7.44
CA CYS A 135 3.75 35.92 8.16
C CYS A 135 2.48 36.56 8.67
N SER A 136 1.69 37.14 7.77
CA SER A 136 0.51 37.88 8.17
C SER A 136 -0.62 36.94 8.57
N HIS A 137 -1.54 37.47 9.37
CA HIS A 137 -2.72 36.72 9.81
C HIS A 137 -3.86 37.71 10.00
N GLU A 138 -4.98 37.45 9.32
CA GLU A 138 -6.15 38.34 9.35
C GLU A 138 -5.80 39.74 8.88
N GLY A 139 -4.88 39.85 7.93
CA GLY A 139 -4.43 41.12 7.39
C GLY A 139 -3.29 41.77 8.14
N LYS A 140 -3.29 41.66 9.47
CA LYS A 140 -2.25 42.27 10.28
C LYS A 140 -0.97 41.44 10.24
N SER A 141 0.15 42.11 10.49
CA SER A 141 1.43 41.42 10.59
C SER A 141 1.45 40.51 11.81
N SER A 142 2.13 39.37 11.68
CA SER A 142 2.16 38.38 12.74
C SER A 142 3.46 37.60 12.66
N PHE A 143 3.51 36.49 13.39
CA PHE A 143 4.72 35.68 13.47
C PHE A 143 4.32 34.27 13.90
N TYR A 144 5.29 33.36 13.86
CA TYR A 144 5.03 31.96 14.19
C TYR A 144 4.48 31.81 15.61
N ARG A 145 3.61 30.83 15.78
CA ARG A 145 3.03 30.57 17.10
C ARG A 145 4.02 29.86 18.02
N ASN A 146 4.96 29.09 17.47
CA ASN A 146 5.91 28.32 18.25
C ASN A 146 7.26 29.00 18.39
N LEU A 147 7.45 30.15 17.78
CA LEU A 147 8.71 30.88 17.87
C LEU A 147 8.45 32.30 18.37
N LEU A 148 9.51 32.96 18.81
CA LEU A 148 9.43 34.29 19.41
C LEU A 148 10.60 35.12 18.89
N TRP A 149 10.29 36.27 18.29
CA TRP A 149 11.31 37.13 17.70
C TRP A 149 11.83 38.06 18.79
N LEU A 150 13.02 37.77 19.30
CA LEU A 150 13.65 38.58 20.34
C LEU A 150 14.41 39.73 19.70
N THR A 151 14.11 40.95 20.14
CA THR A 151 14.76 42.15 19.64
C THR A 151 15.30 42.96 20.81
N GLU A 152 15.88 44.12 20.49
CA GLU A 152 16.47 44.97 21.51
C GLU A 152 15.39 45.67 22.33
N LYS A 153 15.62 45.78 23.64
CA LYS A 153 14.73 46.47 24.55
C LYS A 153 15.47 47.64 25.18
N GLU A 154 14.88 48.84 25.06
CA GLU A 154 15.44 50.06 25.65
C GLU A 154 16.85 50.33 25.14
N GLY A 155 17.09 50.03 23.85
CA GLY A 155 18.38 50.31 23.25
C GLY A 155 19.50 49.39 23.67
N SER A 156 19.19 48.24 24.25
CA SER A 156 20.23 47.31 24.69
C SER A 156 19.72 45.89 24.55
N TYR A 157 20.58 45.00 24.04
CA TYR A 157 20.28 43.58 23.89
C TYR A 157 21.25 42.81 24.78
N PRO A 158 20.92 42.60 26.05
CA PRO A 158 21.81 41.87 26.93
C PRO A 158 21.97 40.42 26.50
N LYS A 159 23.11 39.84 26.84
CA LYS A 159 23.38 38.44 26.51
C LYS A 159 22.45 37.54 27.29
N LEU A 160 21.58 36.83 26.58
CA LEU A 160 20.63 35.90 27.19
C LEU A 160 21.20 34.49 27.16
N LYS A 161 20.94 33.73 28.24
CA LYS A 161 21.38 32.35 28.33
C LYS A 161 20.31 31.59 29.10
N ASN A 162 19.53 30.79 28.39
CA ASN A 162 18.43 30.03 28.99
C ASN A 162 18.62 28.55 28.70
N SER A 163 17.85 27.71 29.38
CA SER A 163 17.97 26.27 29.23
C SER A 163 16.65 25.61 29.60
N TYR A 164 16.50 24.38 29.12
CA TYR A 164 15.34 23.54 29.42
C TYR A 164 15.80 22.12 29.67
N VAL A 165 15.31 21.53 30.76
CA VAL A 165 15.59 20.14 31.11
C VAL A 165 14.40 19.29 30.72
N ASN A 166 14.66 18.21 29.99
CA ASN A 166 13.59 17.35 29.47
C ASN A 166 13.18 16.35 30.54
N LYS A 167 12.07 16.63 31.21
CA LYS A 167 11.47 15.72 32.19
C LYS A 167 10.13 15.17 31.69
N LYS A 168 9.94 15.13 30.38
CA LYS A 168 8.72 14.62 29.77
C LYS A 168 8.73 13.11 29.59
N GLY A 169 9.88 12.46 29.75
CA GLY A 169 9.98 11.03 29.55
C GLY A 169 10.02 10.58 28.11
N LYS A 170 10.01 11.51 27.16
CA LYS A 170 10.05 11.17 25.75
C LYS A 170 10.96 12.17 25.03
N GLU A 171 11.18 11.92 23.74
CA GLU A 171 11.93 12.86 22.92
C GLU A 171 11.18 14.18 22.81
N VAL A 172 11.93 15.28 22.76
CA VAL A 172 11.35 16.60 22.63
C VAL A 172 11.95 17.26 21.40
N LEU A 173 11.14 17.43 20.36
CA LEU A 173 11.54 18.20 19.19
C LEU A 173 11.50 19.68 19.53
N VAL A 174 12.65 20.34 19.39
CA VAL A 174 12.79 21.76 19.65
C VAL A 174 13.24 22.43 18.36
N LEU A 175 12.54 23.50 17.97
CA LEU A 175 12.86 24.25 16.76
C LEU A 175 13.18 25.69 17.13
N TRP A 176 14.12 26.28 16.39
CA TRP A 176 14.49 27.68 16.58
C TRP A 176 14.89 28.26 15.23
N GLY A 177 15.21 29.55 15.23
CA GLY A 177 15.55 30.24 14.00
C GLY A 177 16.66 31.24 14.22
N ILE A 178 17.33 31.58 13.12
CA ILE A 178 18.42 32.55 13.09
C ILE A 178 18.10 33.55 11.99
N HIS A 179 18.03 34.83 12.35
CA HIS A 179 17.67 35.88 11.42
C HIS A 179 18.91 36.52 10.82
N HIS A 180 18.83 36.91 9.55
CA HIS A 180 19.93 37.54 8.82
C HIS A 180 19.40 38.79 8.14
N PRO A 181 19.63 39.97 8.72
CA PRO A 181 19.17 41.21 8.10
C PRO A 181 19.95 41.51 6.83
N PRO A 182 19.39 42.32 5.93
CA PRO A 182 20.12 42.64 4.69
C PRO A 182 21.25 43.64 4.87
N ASN A 183 21.21 44.48 5.90
CA ASN A 183 22.24 45.48 6.12
C ASN A 183 22.57 45.56 7.60
N SER A 184 23.72 46.18 7.90
CA SER A 184 24.17 46.30 9.28
C SER A 184 23.39 47.35 10.06
N LYS A 185 22.78 48.31 9.37
CA LYS A 185 21.96 49.31 10.07
C LYS A 185 20.78 48.64 10.76
N GLU A 186 20.07 47.77 10.04
CA GLU A 186 18.99 47.01 10.66
C GLU A 186 19.50 46.08 11.74
N GLN A 187 20.71 45.54 11.56
CA GLN A 187 21.32 44.70 12.60
C GLN A 187 21.48 45.48 13.90
N GLN A 188 22.01 46.70 13.81
CA GLN A 188 22.15 47.53 15.01
C GLN A 188 20.80 47.95 15.56
N ASN A 189 19.84 48.23 14.68
CA ASN A 189 18.53 48.69 15.16
C ASN A 189 17.75 47.58 15.84
N LEU A 190 18.02 46.31 15.50
CA LEU A 190 17.28 45.20 16.07
C LEU A 190 18.01 44.50 17.20
N TYR A 191 19.33 44.41 17.17
CA TYR A 191 20.07 43.64 18.17
C TYR A 191 21.21 44.40 18.82
N GLN A 192 21.48 45.64 18.41
CA GLN A 192 22.44 46.54 19.04
C GLN A 192 23.87 45.99 19.05
N ASN A 193 24.11 44.85 18.40
CA ASN A 193 25.45 44.26 18.37
C ASN A 193 25.76 43.84 16.95
N GLU A 194 26.86 44.36 16.41
CA GLU A 194 27.29 43.97 15.07
C GLU A 194 28.00 42.62 15.07
N ASN A 195 28.64 42.25 16.18
CA ASN A 195 29.28 40.94 16.25
C ASN A 195 28.49 40.00 17.15
N ALA A 196 27.26 39.68 16.74
CA ALA A 196 26.38 38.82 17.50
C ALA A 196 26.64 37.35 17.17
N TYR A 197 26.10 36.47 18.01
CA TYR A 197 26.24 35.03 17.81
C TYR A 197 25.14 34.31 18.57
N VAL A 198 24.88 33.08 18.14
CA VAL A 198 23.93 32.20 18.82
C VAL A 198 24.61 30.86 19.05
N SER A 199 24.28 30.21 20.16
CA SER A 199 24.86 28.92 20.50
C SER A 199 23.77 28.02 21.06
N VAL A 200 23.60 26.84 20.47
CA VAL A 200 22.63 25.86 20.92
C VAL A 200 23.38 24.57 21.22
N VAL A 201 23.31 24.11 22.47
CA VAL A 201 24.07 22.95 22.91
C VAL A 201 23.17 21.99 23.68
N THR A 202 23.39 20.70 23.49
CA THR A 202 22.79 19.67 24.33
C THR A 202 23.91 18.70 24.71
N SER A 203 23.54 17.48 25.09
CA SER A 203 24.54 16.45 25.35
C SER A 203 25.09 15.82 24.08
N ASN A 204 24.32 15.86 22.99
CA ASN A 204 24.77 15.34 21.71
C ASN A 204 24.67 16.35 20.57
N TYR A 205 24.11 17.53 20.80
CA TYR A 205 24.01 18.58 19.79
C TYR A 205 24.85 19.78 20.22
N ASN A 206 25.50 20.41 19.26
CA ASN A 206 26.38 21.54 19.53
C ASN A 206 26.54 22.33 18.25
N ARG A 207 25.99 23.54 18.20
CA ARG A 207 26.11 24.35 17.00
C ARG A 207 26.18 25.82 17.36
N ARG A 208 26.95 26.56 16.57
CA ARG A 208 27.11 28.00 16.71
C ARG A 208 26.70 28.67 15.40
N PHE A 209 26.00 29.80 15.52
CA PHE A 209 25.43 30.51 14.38
C PHE A 209 25.92 31.94 14.40
N THR A 210 26.41 32.41 13.24
CA THR A 210 26.89 33.76 13.06
C THR A 210 26.08 34.45 11.96
N PRO A 211 25.54 35.64 12.21
CA PRO A 211 24.75 36.31 11.18
C PRO A 211 25.60 36.72 9.99
N GLU A 212 25.04 36.55 8.79
CA GLU A 212 25.70 36.93 7.54
C GLU A 212 24.84 38.01 6.88
N ILE A 213 25.39 39.21 6.77
CA ILE A 213 24.67 40.38 6.28
C ILE A 213 25.05 40.62 4.83
N ALA A 214 24.05 40.74 3.97
CA ALA A 214 24.23 41.04 2.55
C ALA A 214 22.88 41.34 1.94
N GLU A 215 22.87 42.23 0.95
CA GLU A 215 21.63 42.55 0.26
C GLU A 215 21.21 41.37 -0.61
N ARG A 216 19.96 40.96 -0.47
CA ARG A 216 19.44 39.79 -1.16
C ARG A 216 18.17 40.14 -1.92
N PRO A 217 17.85 39.40 -2.98
CA PRO A 217 16.62 39.68 -3.73
C PRO A 217 15.38 39.53 -2.86
N LYS A 218 14.34 40.29 -3.20
CA LYS A 218 13.11 40.29 -2.42
C LYS A 218 12.36 38.97 -2.61
N VAL A 219 12.17 38.25 -1.52
CA VAL A 219 11.33 37.06 -1.48
C VAL A 219 10.22 37.32 -0.47
N ARG A 220 8.98 37.34 -0.94
CA ARG A 220 7.84 37.75 -0.12
C ARG A 220 8.06 39.15 0.46
N ASP A 221 8.63 40.03 -0.36
CA ASP A 221 8.91 41.42 0.01
C ASP A 221 9.81 41.49 1.25
N GLN A 222 10.81 40.62 1.31
CA GLN A 222 11.75 40.58 2.42
C GLN A 222 13.15 40.36 1.87
N ALA A 223 14.06 41.28 2.18
CA ALA A 223 15.44 41.16 1.76
C ALA A 223 16.30 40.34 2.72
N GLY A 224 15.87 40.20 3.98
CA GLY A 224 16.57 39.37 4.93
C GLY A 224 16.11 37.93 4.87
N ARG A 225 16.82 37.07 5.61
CA ARG A 225 16.54 35.64 5.63
C ARG A 225 16.33 35.18 7.07
N MET A 226 15.84 33.94 7.20
CA MET A 226 15.62 33.34 8.52
C MET A 226 15.79 31.83 8.37
N ASN A 227 16.93 31.32 8.80
CA ASN A 227 17.23 29.90 8.72
C ASN A 227 16.67 29.17 9.94
N TYR A 228 15.97 28.08 9.70
CA TYR A 228 15.30 27.33 10.76
C TYR A 228 16.08 26.06 11.06
N TYR A 229 16.29 25.80 12.35
CA TYR A 229 17.02 24.63 12.81
C TYR A 229 16.17 23.87 13.83
N TRP A 230 16.48 22.59 14.00
CA TRP A 230 15.71 21.74 14.90
C TRP A 230 16.63 20.70 15.52
N THR A 231 16.17 20.13 16.63
CA THR A 231 16.90 19.06 17.29
C THR A 231 15.92 18.22 18.11
N LEU A 232 16.38 17.03 18.49
CA LEU A 232 15.60 16.07 19.28
C LEU A 232 16.29 15.89 20.62
N LEU A 233 15.84 16.64 21.62
CA LEU A 233 16.37 16.49 22.97
C LEU A 233 15.91 15.16 23.57
N LYS A 234 16.88 14.35 24.00
CA LYS A 234 16.57 13.05 24.56
C LYS A 234 16.01 13.20 25.98
N PRO A 235 15.29 12.19 26.47
CA PRO A 235 14.78 12.25 27.85
C PRO A 235 15.90 12.40 28.85
N GLY A 236 15.74 13.37 29.76
CA GLY A 236 16.71 13.65 30.79
C GLY A 236 17.78 14.64 30.39
N ASP A 237 17.93 14.92 29.10
CA ASP A 237 18.96 15.83 28.63
C ASP A 237 18.49 17.28 28.74
N THR A 238 19.46 18.19 28.76
CA THR A 238 19.21 19.63 28.87
C THR A 238 19.67 20.32 27.60
N ILE A 239 18.84 21.23 27.09
CA ILE A 239 19.17 22.05 25.93
C ILE A 239 19.41 23.47 26.41
N ILE A 240 20.48 24.09 25.92
CA ILE A 240 20.91 25.41 26.36
C ILE A 240 21.05 26.32 25.15
N PHE A 241 20.40 27.48 25.21
CA PHE A 241 20.52 28.54 24.23
C PHE A 241 21.28 29.70 24.86
N GLU A 242 22.23 30.26 24.10
CA GLU A 242 23.03 31.40 24.55
C GLU A 242 23.22 32.33 23.37
N ALA A 243 22.64 33.53 23.44
CA ALA A 243 22.68 34.42 22.30
C ALA A 243 22.74 35.87 22.76
N ASN A 244 23.34 36.71 21.92
CA ASN A 244 23.35 38.16 22.11
C ASN A 244 22.73 38.87 20.92
N GLY A 245 21.89 38.18 20.18
CA GLY A 245 21.16 38.76 19.06
C GLY A 245 20.85 37.72 18.01
N ASN A 246 19.91 38.09 17.13
CA ASN A 246 19.53 37.32 15.95
C ASN A 246 18.89 35.97 16.28
N LEU A 247 18.57 35.71 17.54
CA LEU A 247 18.00 34.44 17.94
C LEU A 247 16.47 34.50 17.87
N ILE A 248 15.89 33.69 16.99
CA ILE A 248 14.45 33.46 16.97
C ILE A 248 14.20 32.34 17.97
N ALA A 249 13.87 32.73 19.20
CA ALA A 249 13.86 31.79 20.31
C ALA A 249 12.68 30.84 20.21
N PRO A 250 12.82 29.62 20.73
CA PRO A 250 11.67 28.70 20.79
C PRO A 250 10.70 29.10 21.89
N MET A 251 9.43 28.80 21.65
CA MET A 251 8.40 29.01 22.64
C MET A 251 7.58 27.77 22.91
N TYR A 252 7.28 26.97 21.88
CA TYR A 252 6.55 25.72 22.03
C TYR A 252 7.34 24.60 21.36
N ALA A 253 7.61 23.55 22.12
CA ALA A 253 8.27 22.34 21.62
C ALA A 253 7.26 21.21 21.55
N PHE A 254 7.70 20.06 21.04
CA PHE A 254 6.81 18.93 20.81
C PHE A 254 7.34 17.70 21.53
N ALA A 255 6.51 17.10 22.39
CA ALA A 255 6.84 15.84 23.04
C ALA A 255 6.36 14.70 22.15
N LEU A 256 7.31 13.97 21.55
CA LEU A 256 7.00 13.00 20.52
C LEU A 256 7.01 11.58 21.06
N SER A 257 6.20 10.73 20.45
CA SER A 257 6.15 9.30 20.73
C SER A 257 6.39 8.53 19.44
N ARG A 258 7.11 7.41 19.56
CA ARG A 258 7.49 6.62 18.39
C ARG A 258 6.47 5.51 18.14
N GLY A 259 6.22 5.23 16.86
CA GLY A 259 5.31 4.18 16.47
C GLY A 259 5.78 3.43 15.24
N PHE A 260 4.92 2.57 14.69
CA PHE A 260 5.27 1.76 13.54
C PHE A 260 4.20 1.89 12.46
N GLY A 261 4.59 1.68 11.22
CA GLY A 261 3.67 1.64 10.10
C GLY A 261 3.12 2.97 9.66
N SER A 262 3.65 4.09 10.17
CA SER A 262 3.16 5.40 9.80
C SER A 262 3.90 5.92 8.57
N GLY A 263 3.47 7.07 8.08
CA GLY A 263 4.09 7.68 6.91
C GLY A 263 3.38 8.95 6.54
N ILE A 264 4.01 9.71 5.64
CA ILE A 264 3.48 10.98 5.15
C ILE A 264 3.07 10.79 3.71
N ILE A 265 1.84 11.18 3.39
CA ILE A 265 1.30 11.06 2.03
C ILE A 265 0.68 12.39 1.63
N THR A 266 0.62 12.60 0.31
CA THR A 266 -0.04 13.76 -0.28
C THR A 266 -1.31 13.27 -0.96
N SER A 267 -2.46 13.68 -0.43
CA SER A 267 -3.75 13.19 -0.91
C SER A 267 -4.69 14.36 -1.16
N ASN A 268 -5.65 14.14 -2.06
CA ASN A 268 -6.68 15.12 -2.35
C ASN A 268 -8.05 14.70 -1.85
N ALA A 269 -8.19 13.49 -1.31
CA ALA A 269 -9.46 12.99 -0.82
C ALA A 269 -9.77 13.57 0.56
N SER A 270 -11.02 13.43 0.97
CA SER A 270 -11.51 13.95 2.23
C SER A 270 -11.61 12.84 3.27
N MET A 271 -11.63 13.25 4.53
CA MET A 271 -11.77 12.31 5.64
C MET A 271 -13.23 11.94 5.84
N HIS A 272 -13.51 10.64 5.93
CA HIS A 272 -14.85 10.13 6.16
C HIS A 272 -14.86 9.25 7.40
N GLU A 273 -16.06 9.03 7.94
CA GLU A 273 -16.25 8.15 9.09
C GLU A 273 -16.16 6.70 8.60
N CYS A 274 -14.93 6.23 8.44
CA CYS A 274 -14.69 4.88 7.94
C CYS A 274 -13.36 4.39 8.49
N ASN A 275 -13.16 3.08 8.41
CA ASN A 275 -11.97 2.43 8.93
C ASN A 275 -11.45 1.42 7.91
N THR A 276 -10.14 1.30 7.81
CA THR A 276 -9.53 0.38 6.85
C THR A 276 -8.21 -0.13 7.41
N LYS A 277 -7.71 -1.20 6.80
CA LYS A 277 -6.39 -1.71 7.08
C LYS A 277 -5.37 -1.32 6.01
N CYS A 278 -5.82 -0.64 4.95
CA CYS A 278 -4.94 -0.22 3.87
C CYS A 278 -5.41 1.12 3.34
N GLN A 279 -4.50 2.10 3.28
CA GLN A 279 -4.84 3.44 2.84
C GLN A 279 -3.88 3.88 1.74
N THR A 280 -4.45 4.41 0.66
CA THR A 280 -3.70 4.99 -0.44
C THR A 280 -4.09 6.45 -0.62
N PRO A 281 -3.26 7.26 -1.27
CA PRO A 281 -3.63 8.65 -1.53
C PRO A 281 -4.92 8.81 -2.34
N LEU A 282 -5.31 7.78 -3.10
CA LEU A 282 -6.55 7.84 -3.86
C LEU A 282 -7.75 7.31 -3.08
N GLY A 283 -7.53 6.46 -2.08
CA GLY A 283 -8.62 5.92 -1.32
C GLY A 283 -8.18 4.68 -0.55
N ALA A 284 -9.11 4.15 0.23
CA ALA A 284 -8.86 2.99 1.06
C ALA A 284 -9.14 1.70 0.29
N ILE A 285 -8.37 0.67 0.62
CA ILE A 285 -8.50 -0.64 -0.02
C ILE A 285 -9.00 -1.64 1.02
N ASN A 286 -10.14 -2.26 0.73
CA ASN A 286 -10.71 -3.31 1.56
C ASN A 286 -10.67 -4.59 0.73
N SER A 287 -9.55 -5.31 0.83
CA SER A 287 -9.36 -6.49 -0.01
C SER A 287 -8.33 -7.40 0.63
N SER A 288 -8.40 -8.67 0.27
CA SER A 288 -7.41 -9.67 0.64
C SER A 288 -6.65 -10.21 -0.56
N LEU A 289 -6.83 -9.61 -1.73
CA LEU A 289 -6.13 -10.05 -2.92
C LEU A 289 -4.64 -9.73 -2.80
N PRO A 290 -3.79 -10.52 -3.44
CA PRO A 290 -2.33 -10.31 -3.27
C PRO A 290 -1.81 -9.07 -3.99
N TYR A 291 -2.42 -8.66 -5.08
CA TYR A 291 -1.91 -7.55 -5.89
C TYR A 291 -2.94 -6.42 -5.97
N GLN A 292 -2.46 -5.26 -6.42
CA GLN A 292 -3.32 -4.11 -6.63
C GLN A 292 -2.61 -3.15 -7.59
N ASN A 293 -3.39 -2.52 -8.47
CA ASN A 293 -2.87 -1.56 -9.43
C ASN A 293 -3.42 -0.16 -9.19
N ILE A 294 -3.65 0.18 -7.92
CA ILE A 294 -4.30 1.44 -7.57
C ILE A 294 -3.26 2.54 -7.36
N HIS A 295 -2.30 2.29 -6.45
CA HIS A 295 -1.30 3.31 -6.16
C HIS A 295 -0.09 2.67 -5.53
N PRO A 296 1.13 3.10 -5.87
CA PRO A 296 2.32 2.51 -5.22
C PRO A 296 2.53 2.97 -3.79
N VAL A 297 1.96 4.11 -3.39
CA VAL A 297 2.09 4.61 -2.03
C VAL A 297 1.00 3.97 -1.18
N THR A 298 1.40 3.18 -0.18
CA THR A 298 0.47 2.44 0.66
C THR A 298 0.80 2.65 2.13
N ILE A 299 -0.24 2.65 2.96
CA ILE A 299 -0.10 2.74 4.40
C ILE A 299 -0.88 1.59 5.03
N GLY A 300 -0.23 0.81 5.89
CA GLY A 300 -0.89 -0.29 6.54
C GLY A 300 -0.63 -1.64 5.89
N GLU A 301 -1.60 -2.55 5.98
CA GLU A 301 -1.49 -3.88 5.40
C GLU A 301 -2.20 -3.86 4.05
N CYS A 302 -1.42 -3.79 2.98
CA CYS A 302 -1.92 -3.60 1.62
C CYS A 302 -1.46 -4.72 0.71
N PRO A 303 -2.10 -4.89 -0.44
CA PRO A 303 -1.56 -5.78 -1.47
C PRO A 303 -0.37 -5.14 -2.17
N LYS A 304 0.45 -6.00 -2.79
CA LYS A 304 1.61 -5.52 -3.51
C LYS A 304 1.19 -4.79 -4.77
N TYR A 305 1.75 -3.59 -4.97
CA TYR A 305 1.41 -2.79 -6.13
C TYR A 305 2.14 -3.32 -7.37
N VAL A 306 1.41 -3.43 -8.48
CA VAL A 306 1.98 -3.84 -9.76
C VAL A 306 1.38 -2.95 -10.85
N ARG A 307 2.08 -2.88 -11.97
CA ARG A 307 1.61 -2.12 -13.13
C ARG A 307 0.59 -2.87 -13.96
N SER A 308 0.31 -4.14 -13.63
CA SER A 308 -0.53 -4.97 -14.47
C SER A 308 -1.96 -4.43 -14.53
N ALA A 309 -2.62 -4.67 -15.65
CA ALA A 309 -4.02 -4.31 -15.82
C ALA A 309 -4.95 -5.48 -15.59
N LYS A 310 -4.44 -6.71 -15.57
CA LYS A 310 -5.26 -7.89 -15.36
C LYS A 310 -4.39 -9.00 -14.79
N LEU A 311 -4.85 -9.60 -13.68
CA LEU A 311 -4.19 -10.74 -13.04
C LEU A 311 -5.29 -11.70 -12.60
N ARG A 312 -5.67 -12.60 -13.51
CA ARG A 312 -6.74 -13.56 -13.27
C ARG A 312 -6.20 -14.97 -13.44
N MET A 313 -6.39 -15.81 -12.43
CA MET A 313 -5.93 -17.19 -12.45
C MET A 313 -7.11 -18.11 -12.68
N VAL A 314 -7.00 -18.99 -13.67
CA VAL A 314 -8.09 -19.91 -13.97
C VAL A 314 -8.14 -21.00 -12.91
N THR A 315 -9.37 -21.31 -12.47
CA THR A 315 -9.61 -22.45 -11.59
C THR A 315 -10.43 -23.54 -12.25
N GLY A 316 -11.24 -23.20 -13.25
CA GLY A 316 -12.07 -24.16 -13.95
C GLY A 316 -11.42 -24.67 -15.22
N LEU A 317 -12.26 -25.18 -16.12
CA LEU A 317 -11.83 -25.80 -17.36
C LEU A 317 -12.00 -24.83 -18.52
N ARG A 318 -11.54 -25.26 -19.70
CA ARG A 318 -11.80 -24.53 -20.93
C ARG A 318 -13.29 -24.62 -21.25
N ASN A 319 -13.99 -23.50 -21.22
CA ASN A 319 -15.44 -23.47 -21.36
C ASN A 319 -15.83 -23.71 -22.82
N ILE A 320 -16.33 -24.91 -23.11
CA ILE A 320 -16.77 -25.27 -24.46
C ILE A 320 -18.22 -25.74 -24.39
N PRO A 321 -19.19 -24.84 -24.33
CA PRO A 321 -20.60 -25.24 -24.20
C PRO A 321 -21.31 -25.55 -25.51
N SER A 322 -20.61 -25.52 -26.63
CA SER A 322 -21.23 -25.75 -27.94
C SER A 322 -21.93 -27.09 -28.03
N GLY B 1 -5.47 -29.53 -26.19
CA GLY B 1 -4.86 -29.63 -24.87
C GLY B 1 -3.60 -30.46 -24.87
N LEU B 2 -2.93 -30.52 -23.73
CA LEU B 2 -1.68 -31.28 -23.64
C LEU B 2 -1.92 -32.78 -23.57
N PHE B 3 -3.10 -33.21 -23.16
CA PHE B 3 -3.45 -34.62 -23.10
C PHE B 3 -4.54 -35.02 -24.08
N GLY B 4 -5.00 -34.09 -24.91
CA GLY B 4 -5.88 -34.40 -26.01
C GLY B 4 -7.30 -34.78 -25.66
N ALA B 5 -7.73 -34.58 -24.41
CA ALA B 5 -9.09 -34.91 -24.01
C ALA B 5 -10.01 -33.69 -24.15
N ILE B 6 -9.75 -32.64 -23.35
CA ILE B 6 -10.51 -31.41 -23.46
C ILE B 6 -10.17 -30.74 -24.79
N ALA B 7 -11.21 -30.41 -25.56
CA ALA B 7 -11.06 -29.88 -26.91
C ALA B 7 -10.28 -30.83 -27.80
N GLY B 8 -10.32 -32.13 -27.48
CA GLY B 8 -9.65 -33.14 -28.26
C GLY B 8 -10.62 -34.17 -28.81
N PHE B 9 -10.45 -35.44 -28.42
CA PHE B 9 -11.41 -36.45 -28.85
C PHE B 9 -12.75 -36.31 -28.15
N ILE B 10 -12.82 -35.55 -27.07
CA ILE B 10 -14.08 -35.10 -26.49
C ILE B 10 -14.23 -33.63 -26.89
N GLU B 11 -15.07 -33.38 -27.89
CA GLU B 11 -15.07 -32.09 -28.55
C GLU B 11 -15.50 -30.96 -27.62
N GLY B 12 -16.66 -31.09 -26.99
CA GLY B 12 -17.22 -30.02 -26.19
C GLY B 12 -17.52 -30.47 -24.77
N GLY B 13 -17.99 -29.50 -23.97
CA GLY B 13 -18.38 -29.75 -22.61
C GLY B 13 -19.88 -29.93 -22.45
N TRP B 14 -20.28 -30.25 -21.22
CA TRP B 14 -21.67 -30.54 -20.88
C TRP B 14 -22.19 -29.44 -19.95
N THR B 15 -23.13 -28.63 -20.45
CA THR B 15 -23.79 -27.67 -19.59
C THR B 15 -24.78 -28.34 -18.64
N GLY B 16 -25.27 -29.52 -18.99
CA GLY B 16 -26.21 -30.24 -18.14
C GLY B 16 -25.58 -30.92 -16.93
N MET B 17 -24.26 -30.92 -16.83
CA MET B 17 -23.56 -31.51 -15.68
C MET B 17 -23.10 -30.36 -14.79
N ILE B 18 -23.98 -29.96 -13.85
CA ILE B 18 -23.71 -28.81 -13.01
C ILE B 18 -23.07 -29.19 -11.67
N ASP B 19 -22.97 -30.47 -11.35
CA ASP B 19 -22.53 -30.91 -10.03
C ASP B 19 -21.02 -31.12 -9.93
N GLY B 20 -20.28 -30.98 -11.02
CA GLY B 20 -18.85 -31.22 -10.92
C GLY B 20 -18.15 -30.90 -12.23
N TRP B 21 -16.81 -30.98 -12.17
CA TRP B 21 -15.99 -30.69 -13.34
C TRP B 21 -15.95 -31.87 -14.31
N TYR B 22 -15.92 -33.09 -13.79
CA TYR B 22 -15.84 -34.28 -14.62
C TYR B 22 -16.93 -35.26 -14.19
N GLY B 23 -17.43 -36.02 -15.17
CA GLY B 23 -18.47 -36.99 -14.88
C GLY B 23 -18.86 -37.84 -16.07
N TYR B 24 -20.09 -38.34 -16.06
CA TYR B 24 -20.57 -39.27 -17.06
C TYR B 24 -21.96 -38.88 -17.51
N HIS B 25 -22.32 -39.34 -18.72
CA HIS B 25 -23.68 -39.27 -19.22
C HIS B 25 -24.07 -40.67 -19.70
N HIS B 26 -25.09 -41.24 -19.09
CA HIS B 26 -25.51 -42.60 -19.39
C HIS B 26 -26.85 -42.60 -20.12
N GLN B 27 -27.09 -43.69 -20.85
CA GLN B 27 -28.32 -43.89 -21.60
C GLN B 27 -28.61 -45.38 -21.68
N ASN B 28 -29.76 -45.80 -21.13
CA ASN B 28 -30.19 -47.19 -21.19
C ASN B 28 -31.72 -47.21 -21.25
N GLU B 29 -32.29 -48.41 -21.16
CA GLU B 29 -33.74 -48.55 -21.25
C GLU B 29 -34.45 -47.77 -20.15
N GLN B 30 -33.86 -47.67 -18.96
CA GLN B 30 -34.47 -46.92 -17.87
C GLN B 30 -34.44 -45.42 -18.10
N GLY B 31 -33.68 -44.93 -19.07
CA GLY B 31 -33.61 -43.53 -19.37
C GLY B 31 -32.18 -43.07 -19.51
N SER B 32 -31.99 -41.75 -19.55
CA SER B 32 -30.68 -41.15 -19.71
C SER B 32 -30.44 -40.13 -18.61
N GLY B 33 -29.19 -39.75 -18.43
CA GLY B 33 -28.87 -38.75 -17.42
C GLY B 33 -27.39 -38.49 -17.16
N TYR B 34 -27.10 -37.31 -16.62
CA TYR B 34 -25.75 -36.93 -16.24
C TYR B 34 -25.49 -37.29 -14.78
N ALA B 35 -24.20 -37.41 -14.45
CA ALA B 35 -23.79 -37.69 -13.07
C ALA B 35 -22.32 -37.32 -12.93
N ALA B 36 -22.02 -36.33 -12.10
CA ALA B 36 -20.64 -35.91 -11.91
C ALA B 36 -19.86 -36.94 -11.11
N ASP B 37 -18.59 -37.11 -11.45
CA ASP B 37 -17.69 -37.99 -10.72
C ASP B 37 -17.09 -37.21 -9.55
N GLN B 38 -17.52 -37.54 -8.33
CA GLN B 38 -17.18 -36.71 -7.18
C GLN B 38 -15.74 -36.89 -6.72
N LYS B 39 -15.14 -38.06 -6.95
CA LYS B 39 -13.78 -38.31 -6.48
C LYS B 39 -12.78 -37.44 -7.22
N SER B 40 -12.75 -37.54 -8.55
CA SER B 40 -11.83 -36.73 -9.34
C SER B 40 -12.13 -35.25 -9.21
N THR B 41 -13.42 -34.88 -9.16
CA THR B 41 -13.79 -33.48 -9.00
C THR B 41 -13.28 -32.93 -7.68
N GLN B 42 -13.45 -33.69 -6.60
CA GLN B 42 -13.00 -33.23 -5.29
C GLN B 42 -11.48 -33.14 -5.23
N ASN B 43 -10.78 -34.10 -5.85
CA ASN B 43 -9.33 -34.04 -5.85
C ASN B 43 -8.83 -32.83 -6.63
N ALA B 44 -9.45 -32.54 -7.78
CA ALA B 44 -9.08 -31.37 -8.55
C ALA B 44 -9.39 -30.08 -7.78
N ILE B 45 -10.52 -30.03 -7.08
CA ILE B 45 -10.86 -28.86 -6.29
C ILE B 45 -9.82 -28.65 -5.20
N ASN B 46 -9.43 -29.72 -4.52
CA ASN B 46 -8.40 -29.61 -3.48
C ASN B 46 -7.08 -29.10 -4.07
N GLY B 47 -6.65 -29.68 -5.19
CA GLY B 47 -5.39 -29.26 -5.79
C GLY B 47 -5.40 -27.81 -6.23
N ILE B 48 -6.49 -27.38 -6.88
CA ILE B 48 -6.54 -26.01 -7.39
C ILE B 48 -6.71 -25.01 -6.25
N THR B 49 -7.46 -25.38 -5.21
CA THR B 49 -7.54 -24.52 -4.03
C THR B 49 -6.18 -24.36 -3.39
N ASN B 50 -5.42 -25.45 -3.29
CA ASN B 50 -4.07 -25.35 -2.74
C ASN B 50 -3.18 -24.47 -3.62
N LYS B 51 -3.31 -24.59 -4.94
CA LYS B 51 -2.54 -23.77 -5.85
C LYS B 51 -2.84 -22.28 -5.66
N VAL B 52 -4.13 -21.92 -5.62
CA VAL B 52 -4.52 -20.52 -5.48
C VAL B 52 -4.06 -19.99 -4.12
N ASN B 53 -4.27 -20.77 -3.06
CA ASN B 53 -3.85 -20.33 -1.73
C ASN B 53 -2.34 -20.18 -1.66
N THR B 54 -1.59 -21.04 -2.35
CA THR B 54 -0.14 -20.93 -2.37
C THR B 54 0.30 -19.65 -3.07
N VAL B 55 -0.30 -19.36 -4.23
CA VAL B 55 0.05 -18.13 -4.95
C VAL B 55 -0.28 -16.92 -4.10
N ILE B 56 -1.37 -16.97 -3.35
CA ILE B 56 -1.73 -15.83 -2.50
C ILE B 56 -0.79 -15.71 -1.32
N GLU B 57 -0.37 -16.84 -0.74
CA GLU B 57 0.46 -16.81 0.46
C GLU B 57 1.90 -16.38 0.13
N LYS B 58 2.41 -16.79 -1.03
CA LYS B 58 3.79 -16.43 -1.39
C LYS B 58 4.00 -14.92 -1.46
N MET B 59 2.94 -14.15 -1.70
CA MET B 59 3.01 -12.70 -1.65
C MET B 59 2.75 -12.26 -0.21
N ASN B 60 3.81 -11.79 0.46
CA ASN B 60 3.67 -11.35 1.83
C ASN B 60 2.86 -10.06 1.91
N ILE B 61 2.53 -9.67 3.14
CA ILE B 61 1.75 -8.45 3.35
C ILE B 61 2.63 -7.24 3.07
N GLN B 62 2.21 -6.41 2.13
CA GLN B 62 2.91 -5.17 1.81
C GLN B 62 2.61 -4.14 2.90
N PHE B 63 3.61 -3.88 3.75
CA PHE B 63 3.44 -2.92 4.84
C PHE B 63 3.62 -1.51 4.31
N THR B 64 3.76 -0.54 5.22
CA THR B 64 3.82 0.86 4.83
C THR B 64 5.06 1.14 3.98
N ALA B 65 4.84 1.73 2.81
CA ALA B 65 5.93 2.09 1.91
C ALA B 65 5.53 3.39 1.21
N VAL B 66 6.14 4.49 1.64
CA VAL B 66 5.83 5.81 1.10
C VAL B 66 7.08 6.37 0.43
N GLY B 67 6.89 7.50 -0.27
CA GLY B 67 8.01 8.17 -0.90
C GLY B 67 8.78 9.05 0.06
N LYS B 68 9.95 9.47 -0.38
CA LYS B 68 10.83 10.33 0.40
C LYS B 68 11.08 11.62 -0.36
N GLU B 69 11.56 12.64 0.36
CA GLU B 69 11.86 13.94 -0.23
C GLU B 69 13.34 14.24 -0.12
N PHE B 70 13.84 15.00 -1.09
CA PHE B 70 15.26 15.35 -1.17
C PHE B 70 15.38 16.79 -1.65
N ASN B 71 16.36 17.51 -1.10
CA ASN B 71 16.58 18.90 -1.48
C ASN B 71 17.27 18.97 -2.84
N LYS B 72 17.53 20.19 -3.30
CA LYS B 72 18.07 20.40 -4.64
C LYS B 72 19.50 19.91 -4.79
N LEU B 73 20.20 19.66 -3.69
CA LEU B 73 21.58 19.17 -3.74
C LEU B 73 21.69 17.69 -3.42
N GLU B 74 20.59 16.94 -3.56
CA GLU B 74 20.57 15.50 -3.33
C GLU B 74 19.93 14.78 -4.51
N LYS B 75 20.29 15.18 -5.72
CA LYS B 75 19.68 14.58 -6.91
C LYS B 75 20.14 13.13 -7.11
N ARG B 76 21.39 12.82 -6.76
CA ARG B 76 21.86 11.45 -6.90
C ARG B 76 21.10 10.50 -5.99
N MET B 77 20.88 10.91 -4.73
CA MET B 77 20.14 10.06 -3.79
C MET B 77 18.69 9.90 -4.22
N GLU B 78 18.10 10.97 -4.75
CA GLU B 78 16.73 10.89 -5.26
C GLU B 78 16.63 9.92 -6.42
N ASN B 79 17.57 10.01 -7.37
CA ASN B 79 17.57 9.09 -8.50
C ASN B 79 17.85 7.66 -8.06
N LEU B 80 18.68 7.47 -7.04
CA LEU B 80 18.93 6.13 -6.51
C LEU B 80 17.67 5.53 -5.91
N ASN B 81 16.95 6.32 -5.11
CA ASN B 81 15.69 5.84 -4.53
C ASN B 81 14.68 5.53 -5.61
N LYS B 82 14.58 6.39 -6.63
CA LYS B 82 13.67 6.13 -7.73
C LYS B 82 14.06 4.87 -8.49
N LYS B 83 15.36 4.64 -8.68
CA LYS B 83 15.80 3.43 -9.37
C LYS B 83 15.46 2.19 -8.55
N VAL B 84 15.65 2.25 -7.24
CA VAL B 84 15.28 1.12 -6.38
C VAL B 84 13.79 0.82 -6.53
N ASP B 85 12.95 1.85 -6.40
CA ASP B 85 11.51 1.64 -6.48
C ASP B 85 11.10 1.08 -7.84
N ASP B 86 11.65 1.65 -8.92
CA ASP B 86 11.28 1.22 -10.26
C ASP B 86 11.73 -0.20 -10.54
N GLY B 87 12.94 -0.56 -10.09
CA GLY B 87 13.42 -1.91 -10.28
C GLY B 87 12.58 -2.93 -9.54
N PHE B 88 12.24 -2.64 -8.27
CA PHE B 88 11.38 -3.54 -7.52
C PHE B 88 10.02 -3.68 -8.18
N LEU B 89 9.46 -2.58 -8.68
CA LEU B 89 8.16 -2.63 -9.34
C LEU B 89 8.22 -3.47 -10.62
N ASP B 90 9.26 -3.27 -11.43
CA ASP B 90 9.44 -4.08 -12.63
C ASP B 90 9.52 -5.56 -12.28
N ILE B 91 10.35 -5.90 -11.30
CA ILE B 91 10.55 -7.29 -10.94
C ILE B 91 9.24 -7.92 -10.46
N TRP B 92 8.48 -7.19 -9.64
CA TRP B 92 7.26 -7.78 -9.09
C TRP B 92 6.16 -7.91 -10.15
N THR B 93 6.03 -6.93 -11.04
CA THR B 93 5.08 -7.07 -12.14
C THR B 93 5.43 -8.26 -13.02
N TYR B 94 6.73 -8.39 -13.35
CA TYR B 94 7.19 -9.52 -14.13
C TYR B 94 6.86 -10.85 -13.46
N ASN B 95 7.20 -10.97 -12.17
CA ASN B 95 6.94 -12.22 -11.45
C ASN B 95 5.46 -12.54 -11.42
N ALA B 96 4.62 -11.56 -11.11
CA ALA B 96 3.18 -11.80 -11.01
C ALA B 96 2.62 -12.28 -12.34
N GLU B 97 2.90 -11.55 -13.42
CA GLU B 97 2.33 -11.93 -14.72
C GLU B 97 2.85 -13.30 -15.16
N LEU B 98 4.15 -13.55 -15.01
CA LEU B 98 4.72 -14.82 -15.44
C LEU B 98 4.12 -15.98 -14.66
N LEU B 99 4.01 -15.82 -13.33
CA LEU B 99 3.45 -16.90 -12.52
C LEU B 99 1.99 -17.16 -12.88
N VAL B 100 1.21 -16.10 -13.13
CA VAL B 100 -0.18 -16.29 -13.51
C VAL B 100 -0.28 -17.08 -14.81
N LEU B 101 0.53 -16.71 -15.81
CA LEU B 101 0.49 -17.41 -17.09
C LEU B 101 0.88 -18.87 -16.94
N LEU B 102 1.98 -19.13 -16.22
CA LEU B 102 2.44 -20.51 -16.05
C LEU B 102 1.39 -21.36 -15.35
N GLU B 103 0.81 -20.83 -14.26
CA GLU B 103 -0.17 -21.60 -13.51
C GLU B 103 -1.45 -21.80 -14.32
N ASN B 104 -1.83 -20.84 -15.16
CA ASN B 104 -3.00 -21.04 -16.01
C ASN B 104 -2.77 -22.18 -17.00
N GLU B 105 -1.61 -22.18 -17.66
CA GLU B 105 -1.28 -23.27 -18.56
C GLU B 105 -1.30 -24.61 -17.83
N ARG B 106 -0.68 -24.66 -16.64
CA ARG B 106 -0.62 -25.91 -15.89
C ARG B 106 -2.00 -26.37 -15.42
N THR B 107 -2.88 -25.43 -15.08
CA THR B 107 -4.23 -25.81 -14.65
C THR B 107 -5.03 -26.37 -15.80
N LEU B 108 -4.94 -25.76 -16.98
CA LEU B 108 -5.60 -26.33 -18.15
C LEU B 108 -5.09 -27.73 -18.44
N ASP B 109 -3.76 -27.91 -18.40
CA ASP B 109 -3.20 -29.26 -18.62
C ASP B 109 -3.65 -30.24 -17.55
N PHE B 110 -3.81 -29.76 -16.31
CA PHE B 110 -4.25 -30.63 -15.21
C PHE B 110 -5.68 -31.11 -15.42
N HIS B 111 -6.56 -30.21 -15.85
CA HIS B 111 -7.93 -30.63 -16.16
C HIS B 111 -7.95 -31.63 -17.32
N ASP B 112 -7.15 -31.35 -18.37
CA ASP B 112 -7.04 -32.29 -19.48
C ASP B 112 -6.60 -33.67 -18.99
N SER B 113 -5.59 -33.70 -18.13
CA SER B 113 -5.08 -34.96 -17.60
C SER B 113 -6.16 -35.69 -16.80
N ASN B 114 -6.91 -34.96 -15.97
CA ASN B 114 -7.95 -35.61 -15.17
C ASN B 114 -9.02 -36.24 -16.07
N VAL B 115 -9.44 -35.51 -17.11
CA VAL B 115 -10.46 -36.06 -18.02
C VAL B 115 -9.93 -37.31 -18.71
N LYS B 116 -8.68 -37.25 -19.20
CA LYS B 116 -8.13 -38.42 -19.89
C LYS B 116 -7.99 -39.61 -18.94
N ASN B 117 -7.58 -39.35 -17.69
CA ASN B 117 -7.43 -40.44 -16.73
C ASN B 117 -8.77 -41.08 -16.42
N LEU B 118 -9.83 -40.27 -16.27
CA LEU B 118 -11.15 -40.84 -16.04
C LEU B 118 -11.59 -41.71 -17.22
N TYR B 119 -11.38 -41.20 -18.45
CA TYR B 119 -11.76 -41.98 -19.62
C TYR B 119 -10.99 -43.31 -19.68
N GLU B 120 -9.68 -43.26 -19.44
CA GLU B 120 -8.88 -44.48 -19.49
C GLU B 120 -9.27 -45.46 -18.39
N LYS B 121 -9.63 -44.95 -17.21
CA LYS B 121 -10.09 -45.84 -16.14
C LYS B 121 -11.37 -46.56 -16.55
N VAL B 122 -12.33 -45.82 -17.11
CA VAL B 122 -13.57 -46.45 -17.58
C VAL B 122 -13.27 -47.47 -18.67
N LYS B 123 -12.33 -47.14 -19.57
CA LYS B 123 -12.01 -48.05 -20.67
C LYS B 123 -11.38 -49.34 -20.15
N SER B 124 -10.44 -49.24 -19.22
CA SER B 124 -9.80 -50.42 -18.65
C SER B 124 -10.78 -51.22 -17.81
N GLN B 125 -11.80 -50.58 -17.24
CA GLN B 125 -12.84 -51.33 -16.56
C GLN B 125 -13.71 -52.10 -17.55
N LEU B 126 -14.09 -51.46 -18.66
CA LEU B 126 -15.05 -52.08 -19.57
C LEU B 126 -14.42 -53.17 -20.42
N LYS B 127 -13.16 -52.99 -20.85
CA LYS B 127 -12.44 -53.98 -21.68
C LYS B 127 -13.22 -54.18 -22.97
N ASN B 128 -13.43 -55.42 -23.43
CA ASN B 128 -14.12 -55.68 -24.69
C ASN B 128 -15.62 -55.90 -24.53
N ASN B 129 -16.16 -55.70 -23.34
CA ASN B 129 -17.61 -55.73 -23.16
C ASN B 129 -18.31 -54.51 -23.73
N ALA B 130 -17.54 -53.53 -24.20
CA ALA B 130 -18.08 -52.33 -24.83
C ALA B 130 -17.10 -51.86 -25.89
N LYS B 131 -17.62 -51.19 -26.91
CA LYS B 131 -16.83 -50.68 -28.01
C LYS B 131 -16.72 -49.16 -27.93
N GLU B 132 -15.57 -48.63 -28.32
CA GLU B 132 -15.32 -47.18 -28.31
C GLU B 132 -15.94 -46.59 -29.58
N ILE B 133 -17.04 -45.86 -29.41
CA ILE B 133 -17.74 -45.25 -30.55
C ILE B 133 -17.26 -43.81 -30.71
N GLY B 134 -16.10 -43.51 -30.13
CA GLY B 134 -15.54 -42.19 -30.23
C GLY B 134 -16.27 -41.17 -29.37
N ASN B 135 -15.76 -39.94 -29.42
CA ASN B 135 -16.30 -38.82 -28.66
C ASN B 135 -16.33 -39.10 -27.16
N GLY B 136 -15.42 -39.95 -26.70
CA GLY B 136 -15.38 -40.27 -25.28
C GLY B 136 -16.54 -41.12 -24.80
N CYS B 137 -17.13 -41.92 -25.67
CA CYS B 137 -18.29 -42.74 -25.33
C CYS B 137 -17.99 -44.21 -25.52
N PHE B 138 -18.75 -45.05 -24.83
CA PHE B 138 -18.68 -46.49 -24.95
C PHE B 138 -20.08 -47.03 -25.21
N GLU B 139 -20.20 -47.91 -26.20
CA GLU B 139 -21.46 -48.61 -26.48
C GLU B 139 -21.33 -50.03 -25.95
N PHE B 140 -22.20 -50.40 -25.02
CA PHE B 140 -22.12 -51.71 -24.38
C PHE B 140 -22.56 -52.81 -25.35
N TYR B 141 -21.90 -53.96 -25.22
CA TYR B 141 -22.33 -55.19 -25.88
C TYR B 141 -23.31 -55.99 -25.04
N HIS B 142 -23.90 -55.37 -24.02
CA HIS B 142 -24.83 -56.04 -23.13
C HIS B 142 -25.77 -55.00 -22.54
N LYS B 143 -26.81 -55.48 -21.87
CA LYS B 143 -27.77 -54.59 -21.21
C LYS B 143 -27.18 -54.12 -19.88
N CYS B 144 -27.01 -52.80 -19.74
CA CYS B 144 -26.39 -52.19 -18.57
C CYS B 144 -27.42 -51.27 -17.92
N ASP B 145 -28.04 -51.75 -16.84
CA ASP B 145 -29.10 -51.00 -16.16
C ASP B 145 -28.46 -49.94 -15.25
N ASN B 146 -29.29 -49.30 -14.42
CA ASN B 146 -28.77 -48.27 -13.52
C ASN B 146 -27.79 -48.85 -12.51
N GLU B 147 -28.01 -50.09 -12.08
CA GLU B 147 -27.04 -50.73 -11.18
C GLU B 147 -25.70 -50.94 -11.87
N CYS B 148 -25.73 -51.39 -13.14
CA CYS B 148 -24.50 -51.55 -13.89
C CYS B 148 -23.84 -50.21 -14.17
N MET B 149 -24.63 -49.18 -14.47
CA MET B 149 -24.05 -47.85 -14.67
C MET B 149 -23.40 -47.34 -13.41
N GLU B 150 -24.01 -47.59 -12.25
CA GLU B 150 -23.41 -47.15 -10.98
C GLU B 150 -22.15 -47.94 -10.67
N SER B 151 -22.14 -49.24 -10.99
CA SER B 151 -20.92 -50.03 -10.82
C SER B 151 -19.81 -49.56 -11.77
N VAL B 152 -20.18 -48.98 -12.91
CA VAL B 152 -19.19 -48.36 -13.79
C VAL B 152 -18.70 -47.05 -13.20
N ARG B 153 -19.59 -46.25 -12.62
CA ARG B 153 -19.20 -44.93 -12.16
C ARG B 153 -18.36 -44.97 -10.89
N ASN B 154 -18.47 -46.02 -10.08
CA ASN B 154 -17.72 -46.05 -8.83
C ASN B 154 -16.57 -47.04 -8.85
N GLY B 155 -16.28 -47.67 -9.99
CA GLY B 155 -15.10 -48.49 -10.13
C GLY B 155 -15.26 -49.93 -9.68
N THR B 156 -16.47 -50.48 -9.74
CA THR B 156 -16.73 -51.86 -9.36
C THR B 156 -17.46 -52.60 -10.47
N TYR B 157 -17.04 -52.39 -11.71
CA TYR B 157 -17.68 -53.06 -12.83
C TYR B 157 -17.33 -54.55 -12.83
N ASP B 158 -18.35 -55.39 -13.00
CA ASP B 158 -18.19 -56.85 -12.99
C ASP B 158 -18.06 -57.31 -14.43
N TYR B 159 -16.82 -57.61 -14.85
CA TYR B 159 -16.60 -58.04 -16.22
C TYR B 159 -17.12 -59.45 -16.49
N PRO B 160 -16.81 -60.47 -15.68
CA PRO B 160 -17.34 -61.81 -15.98
C PRO B 160 -18.86 -61.91 -15.86
N LYS B 161 -19.50 -60.98 -15.16
CA LYS B 161 -20.95 -61.02 -15.06
C LYS B 161 -21.63 -60.79 -16.41
N TYR B 162 -21.03 -59.96 -17.26
CA TYR B 162 -21.58 -59.67 -18.57
C TYR B 162 -20.69 -60.17 -19.71
N SER B 163 -19.63 -60.93 -19.40
CA SER B 163 -18.70 -61.38 -20.42
C SER B 163 -19.39 -62.27 -21.45
N GLU B 164 -20.22 -63.21 -21.00
CA GLU B 164 -20.87 -64.12 -21.93
C GLU B 164 -21.82 -63.39 -22.87
N GLU B 165 -22.64 -62.50 -22.32
CA GLU B 165 -23.58 -61.74 -23.15
C GLU B 165 -22.84 -60.81 -24.10
N SER B 166 -21.74 -60.19 -23.65
CA SER B 166 -20.98 -59.30 -24.51
C SER B 166 -20.30 -60.08 -25.64
N LYS B 167 -19.83 -61.29 -25.35
CA LYS B 167 -19.24 -62.13 -26.39
C LYS B 167 -20.30 -62.59 -27.39
N LEU B 168 -21.51 -62.89 -26.90
CA LEU B 168 -22.59 -63.30 -27.80
C LEU B 168 -22.99 -62.16 -28.73
N ASN B 169 -23.18 -60.96 -28.17
CA ASN B 169 -23.57 -59.82 -28.99
C ASN B 169 -22.42 -59.35 -29.89
N ARG B 170 -21.17 -59.59 -29.47
CA ARG B 170 -20.03 -59.20 -30.28
C ARG B 170 -19.83 -60.13 -31.46
N GLU B 171 -20.20 -61.40 -31.32
CA GLU B 171 -20.13 -62.43 -32.36
C GLU B 171 -18.78 -62.42 -33.09
#